data_3UW5
#
_entry.id   3UW5
#
_cell.length_a   87.396
_cell.length_b   87.396
_cell.length_c   73.466
_cell.angle_alpha   90.00
_cell.angle_beta   90.00
_cell.angle_gamma   90.00
#
_symmetry.space_group_name_H-M   'P 41 21 2'
#
loop_
_entity.id
_entity.type
_entity.pdbx_description
1 polymer 'Baculoviral IAP repeat-containing protein 7, Baculoviral IAP repeat-containing protein 4'
2 polymer GDC-0152
3 non-polymer 'ZINC ION'
4 non-polymer 'SULFATE ION'
5 water water
#
loop_
_entity_poly.entity_id
_entity_poly.type
_entity_poly.pdbx_seq_one_letter_code
_entity_poly.pdbx_strand_id
1 'polypeptide(L)'
;GSHMLETEEEEEEGAGATLSRGPAFPGMGSEELRLASFYDWPLTAEVPPELLAAAGFFHTGHQDKVRCFFCYGGLQSWKR
GDDPWTEHAKWFPGCQFLLRSKGQEYINNIHLTHSL
;
A,B
2 'polypeptide(L)' (MAA)(CHG)P(0DQ) Z,Y
#
# COMPACT_ATOMS: atom_id res chain seq x y z
N GLY A 22 -21.15 11.11 -8.55
CA GLY A 22 -20.21 9.97 -8.29
C GLY A 22 -19.00 10.38 -7.47
N PRO A 23 -18.08 9.45 -7.22
CA PRO A 23 -16.88 9.77 -6.45
C PRO A 23 -15.93 10.71 -7.20
N ALA A 24 -15.24 11.56 -6.44
CA ALA A 24 -14.21 12.43 -6.99
C ALA A 24 -13.09 11.64 -7.66
N PHE A 25 -12.71 10.52 -7.03
CA PHE A 25 -11.58 9.69 -7.45
C PHE A 25 -12.04 8.23 -7.44
N PRO A 26 -12.76 7.82 -8.50
CA PRO A 26 -13.32 6.46 -8.54
C PRO A 26 -12.28 5.35 -8.44
N GLY A 27 -11.08 5.63 -8.93
CA GLY A 27 -9.96 4.69 -8.87
C GLY A 27 -9.53 4.28 -7.47
N MET A 28 -9.92 5.07 -6.47
CA MET A 28 -9.64 4.73 -5.07
C MET A 28 -10.89 4.26 -4.32
N GLY A 29 -11.90 3.81 -5.07
CA GLY A 29 -13.11 3.25 -4.48
C GLY A 29 -12.92 1.94 -3.74
N SER A 30 -11.89 1.19 -4.10
CA SER A 30 -11.57 -0.09 -3.45
C SER A 30 -10.85 0.13 -2.11
N GLU A 31 -11.43 -0.39 -1.03
CA GLU A 31 -10.79 -0.29 0.28
C GLU A 31 -9.39 -0.89 0.29
N GLU A 32 -9.21 -2.02 -0.40
CA GLU A 32 -7.90 -2.67 -0.44
C GLU A 32 -6.84 -1.78 -1.13
N LEU A 33 -7.21 -1.12 -2.22
CA LEU A 33 -6.29 -0.18 -2.88
C LEU A 33 -5.95 0.99 -1.96
N ARG A 34 -6.95 1.50 -1.25
CA ARG A 34 -6.71 2.56 -0.29
C ARG A 34 -5.74 2.08 0.80
N LEU A 35 -5.95 0.87 1.31
CA LEU A 35 -5.09 0.34 2.36
C LEU A 35 -3.64 0.23 1.87
N ALA A 36 -3.46 -0.25 0.64
CA ALA A 36 -2.12 -0.40 0.07
C ALA A 36 -1.36 0.92 0.02
N SER A 37 -2.08 2.04 -0.15
CA SER A 37 -1.45 3.36 -0.23
C SER A 37 -0.76 3.77 1.07
N PHE A 38 -1.09 3.09 2.18
CA PHE A 38 -0.50 3.39 3.49
C PHE A 38 0.76 2.60 3.80
N TYR A 39 1.39 2.02 2.79
CA TYR A 39 2.63 1.24 3.01
C TYR A 39 3.72 2.09 3.65
N ASP A 40 3.71 3.40 3.37
CA ASP A 40 4.69 4.36 3.91
C ASP A 40 4.06 5.37 4.87
N TRP A 41 2.95 4.99 5.50
CA TRP A 41 2.29 5.82 6.50
C TRP A 41 3.19 6.00 7.70
N PRO A 42 3.40 7.24 8.16
CA PRO A 42 4.33 7.48 9.27
C PRO A 42 3.74 7.36 10.68
N LEU A 43 2.43 7.11 10.78
CA LEU A 43 1.73 7.12 12.07
C LEU A 43 0.95 5.82 12.33
N THR A 44 1.55 4.69 12.00
CA THR A 44 0.83 3.41 12.06
C THR A 44 0.24 3.11 13.43
N ALA A 45 1.03 3.24 14.49
CA ALA A 45 0.55 2.98 15.85
C ALA A 45 -0.48 4.02 16.30
N GLU A 46 -0.31 5.26 15.83
CA GLU A 46 -1.11 6.38 16.30
C GLU A 46 -2.48 6.48 15.64
N VAL A 47 -2.52 6.23 14.33
CA VAL A 47 -3.76 6.27 13.54
C VAL A 47 -3.67 5.12 12.53
N PRO A 48 -4.38 4.00 12.81
CA PRO A 48 -4.23 2.79 11.97
C PRO A 48 -4.65 2.97 10.51
N PRO A 49 -3.78 2.55 9.58
CA PRO A 49 -4.15 2.50 8.15
C PRO A 49 -5.46 1.77 7.87
N GLU A 50 -5.72 0.70 8.61
CA GLU A 50 -6.95 -0.07 8.43
C GLU A 50 -8.19 0.81 8.65
N LEU A 51 -8.16 1.64 9.69
CA LEU A 51 -9.27 2.55 9.98
C LEU A 51 -9.35 3.69 8.97
N LEU A 52 -8.21 4.24 8.58
CA LEU A 52 -8.17 5.28 7.56
C LEU A 52 -8.78 4.80 6.24
N ALA A 53 -8.34 3.65 5.76
CA ALA A 53 -8.83 3.10 4.50
C ALA A 53 -10.32 2.79 4.57
N ALA A 54 -10.75 2.21 5.70
CA ALA A 54 -12.16 1.89 5.90
C ALA A 54 -13.04 3.15 5.84
N ALA A 55 -12.49 4.26 6.33
CA ALA A 55 -13.19 5.54 6.36
C ALA A 55 -13.13 6.32 5.04
N GLY A 56 -12.61 5.69 3.99
CA GLY A 56 -12.62 6.28 2.65
C GLY A 56 -11.33 6.99 2.26
N PHE A 57 -10.35 6.99 3.15
CA PHE A 57 -9.14 7.78 2.96
C PHE A 57 -8.02 6.99 2.30
N PHE A 58 -7.28 7.65 1.41
CA PHE A 58 -6.03 7.13 0.88
C PHE A 58 -4.90 8.11 1.20
N HIS A 59 -3.69 7.58 1.23
CA HIS A 59 -2.50 8.35 1.60
C HIS A 59 -2.03 9.16 0.43
N THR A 60 -1.85 10.47 0.63
CA THR A 60 -1.40 11.39 -0.43
C THR A 60 -0.03 11.95 -0.04
N GLY A 61 1.02 11.41 -0.66
CA GLY A 61 2.39 11.84 -0.35
C GLY A 61 3.04 10.90 0.66
N HIS A 62 4.12 11.36 1.29
CA HIS A 62 4.85 10.57 2.28
C HIS A 62 4.63 10.97 3.73
N GLN A 63 4.06 12.16 3.95
CA GLN A 63 3.78 12.66 5.31
C GLN A 63 2.43 12.14 5.78
N ASP A 64 1.69 12.88 6.61
CA ASP A 64 0.43 12.36 7.16
C ASP A 64 -0.83 12.89 6.46
N LYS A 65 -0.72 13.27 5.19
CA LYS A 65 -1.85 13.78 4.45
C LYS A 65 -2.66 12.64 3.85
N VAL A 66 -3.99 12.73 3.94
CA VAL A 66 -4.88 11.79 3.28
C VAL A 66 -6.03 12.53 2.61
N ARG A 67 -6.66 11.88 1.63
CA ARG A 67 -7.89 12.38 1.02
C ARG A 67 -8.94 11.29 0.94
N CYS A 68 -10.20 11.68 1.03
CA CYS A 68 -11.30 10.77 0.78
C CYS A 68 -11.47 10.57 -0.72
N PHE A 69 -11.64 9.32 -1.15
CA PHE A 69 -11.81 9.03 -2.58
C PHE A 69 -13.12 9.62 -3.11
N PHE A 70 -14.12 9.81 -2.24
CA PHE A 70 -15.43 10.22 -2.69
C PHE A 70 -15.60 11.74 -2.72
N CYS A 71 -15.38 12.39 -1.58
CA CYS A 71 -15.55 13.85 -1.49
C CYS A 71 -14.26 14.63 -1.76
N TYR A 72 -13.12 13.92 -1.82
CA TYR A 72 -11.78 14.49 -2.03
C TYR A 72 -11.32 15.39 -0.87
N GLY A 73 -12.01 15.31 0.26
CA GLY A 73 -11.65 16.10 1.44
C GLY A 73 -10.28 15.66 1.93
N GLY A 74 -9.40 16.62 2.19
CA GLY A 74 -8.03 16.33 2.60
C GLY A 74 -7.81 16.64 4.07
N LEU A 75 -7.24 15.69 4.80
CA LEU A 75 -6.95 15.87 6.22
C LEU A 75 -5.46 15.63 6.52
N GLN A 76 -4.90 16.48 7.37
CA GLN A 76 -3.51 16.38 7.78
C GLN A 76 -3.42 16.66 9.29
N SER A 77 -2.20 16.71 9.82
CA SER A 77 -1.96 17.05 11.23
C SER A 77 -2.73 16.11 12.16
N TRP A 78 -2.63 14.81 11.87
CA TRP A 78 -3.30 13.79 12.66
C TRP A 78 -2.67 13.69 14.03
N LYS A 79 -3.53 13.64 15.05
CA LYS A 79 -3.09 13.48 16.43
C LYS A 79 -3.31 12.02 16.83
N ARG A 80 -2.49 11.51 17.75
CA ARG A 80 -2.61 10.12 18.19
CA ARG A 80 -2.62 10.12 18.15
C ARG A 80 -4.02 9.85 18.72
N GLY A 81 -4.60 8.73 18.31
CA GLY A 81 -5.95 8.36 18.73
C GLY A 81 -7.09 9.05 17.98
N ASP A 82 -6.77 9.90 17.00
CA ASP A 82 -7.82 10.48 16.15
C ASP A 82 -8.56 9.33 15.48
N ASP A 83 -9.87 9.45 15.39
CA ASP A 83 -10.70 8.42 14.77
C ASP A 83 -11.08 8.86 13.34
N PRO A 84 -10.61 8.13 12.32
CA PRO A 84 -10.87 8.56 10.94
C PRO A 84 -12.33 8.86 10.60
N TRP A 85 -13.27 7.99 11.00
CA TRP A 85 -14.67 8.25 10.73
C TRP A 85 -15.18 9.50 11.38
N THR A 86 -14.80 9.72 12.65
CA THR A 86 -15.18 10.92 13.38
C THR A 86 -14.66 12.18 12.69
N GLU A 87 -13.39 12.15 12.29
CA GLU A 87 -12.79 13.26 11.57
C GLU A 87 -13.48 13.50 10.21
N HIS A 88 -13.84 12.42 9.52
CA HIS A 88 -14.56 12.51 8.25
C HIS A 88 -15.85 13.24 8.44
N ALA A 89 -16.59 12.88 9.48
CA ALA A 89 -17.90 13.48 9.76
C ALA A 89 -17.80 14.90 10.29
N LYS A 90 -16.74 15.18 11.06
CA LYS A 90 -16.50 16.52 11.60
C LYS A 90 -16.26 17.54 10.50
N TRP A 91 -15.41 17.18 9.53
CA TRP A 91 -14.92 18.13 8.54
C TRP A 91 -15.66 18.10 7.23
N PHE A 92 -16.16 16.91 6.84
CA PHE A 92 -16.83 16.75 5.55
C PHE A 92 -18.20 16.06 5.72
N PRO A 93 -19.10 16.67 6.50
CA PRO A 93 -20.37 16.05 6.84
C PRO A 93 -21.31 15.78 5.64
N GLY A 94 -21.06 16.43 4.50
CA GLY A 94 -21.89 16.25 3.30
C GLY A 94 -21.44 15.14 2.38
N CYS A 95 -20.37 14.44 2.74
CA CYS A 95 -19.84 13.36 1.91
C CYS A 95 -20.84 12.22 1.81
N GLN A 96 -21.14 11.79 0.59
CA GLN A 96 -22.14 10.75 0.38
C GLN A 96 -21.65 9.34 0.72
N PHE A 97 -20.35 9.11 0.58
CA PHE A 97 -19.75 7.87 1.05
C PHE A 97 -19.87 7.74 2.57
N LEU A 98 -19.55 8.82 3.28
CA LEU A 98 -19.75 8.90 4.72
C LEU A 98 -21.21 8.59 5.08
N LEU A 99 -22.15 9.27 4.42
CA LEU A 99 -23.57 9.07 4.69
C LEU A 99 -23.99 7.62 4.46
N ARG A 100 -23.64 7.08 3.30
CA ARG A 100 -24.00 5.70 2.94
C ARG A 100 -23.42 4.70 3.92
N SER A 101 -22.19 4.96 4.38
CA SER A 101 -21.46 4.04 5.25
C SER A 101 -21.92 4.11 6.69
N LYS A 102 -22.08 5.32 7.22
CA LYS A 102 -22.29 5.55 8.66
C LYS A 102 -23.68 6.03 9.03
N GLY A 103 -24.43 6.57 8.07
CA GLY A 103 -25.78 7.04 8.33
C GLY A 103 -25.85 8.46 8.87
N GLN A 104 -27.04 9.06 8.77
CA GLN A 104 -27.21 10.46 9.15
C GLN A 104 -27.14 10.69 10.67
N GLU A 105 -27.62 9.74 11.45
CA GLU A 105 -27.61 9.88 12.91
C GLU A 105 -26.18 10.04 13.43
N TYR A 106 -25.29 9.19 12.93
CA TYR A 106 -23.87 9.25 13.26
C TYR A 106 -23.29 10.64 12.97
N ILE A 107 -23.58 11.16 11.78
CA ILE A 107 -23.06 12.47 11.36
C ILE A 107 -23.63 13.57 12.26
N ASN A 108 -24.93 13.52 12.49
CA ASN A 108 -25.61 14.51 13.34
C ASN A 108 -25.06 14.52 14.76
N ASN A 109 -24.77 13.34 15.31
CA ASN A 109 -24.28 13.24 16.70
C ASN A 109 -22.87 13.83 16.87
N ILE A 110 -22.04 13.74 15.83
CA ILE A 110 -20.71 14.36 15.84
C ILE A 110 -20.83 15.89 15.76
N HIS A 111 -21.82 16.38 15.02
CA HIS A 111 -22.16 17.80 14.99
C HIS A 111 -23.23 18.10 16.00
N GLY B 22 14.51 -5.41 11.11
CA GLY B 22 13.12 -5.95 10.99
C GLY B 22 12.55 -5.81 9.58
N PRO B 23 11.30 -6.26 9.38
CA PRO B 23 10.68 -6.10 8.06
C PRO B 23 10.53 -4.63 7.68
N ALA B 24 10.91 -4.31 6.45
CA ALA B 24 10.91 -2.93 5.98
C ALA B 24 9.52 -2.34 5.88
N PHE B 25 8.57 -3.13 5.37
CA PHE B 25 7.20 -2.71 5.15
C PHE B 25 6.25 -3.79 5.69
N PRO B 26 6.05 -3.82 7.01
CA PRO B 26 5.33 -4.93 7.63
C PRO B 26 3.94 -5.19 7.05
N GLY B 27 3.20 -4.13 6.73
CA GLY B 27 1.86 -4.28 6.18
C GLY B 27 1.84 -5.00 4.83
N MET B 28 2.94 -4.86 4.09
CA MET B 28 3.06 -5.50 2.79
C MET B 28 3.48 -6.97 2.89
N GLY B 29 3.50 -7.52 4.10
CA GLY B 29 3.60 -8.97 4.29
C GLY B 29 2.41 -9.74 3.73
N SER B 30 1.29 -9.05 3.57
CA SER B 30 0.11 -9.63 2.92
C SER B 30 0.30 -9.68 1.41
N GLU B 31 0.28 -10.88 0.83
CA GLU B 31 0.43 -11.02 -0.62
C GLU B 31 -0.70 -10.30 -1.37
N GLU B 32 -1.91 -10.35 -0.82
CA GLU B 32 -3.05 -9.65 -1.43
C GLU B 32 -2.80 -8.15 -1.49
N LEU B 33 -2.23 -7.58 -0.43
CA LEU B 33 -1.94 -6.16 -0.42
C LEU B 33 -0.80 -5.82 -1.39
N ARG B 34 0.20 -6.70 -1.48
CA ARG B 34 1.24 -6.52 -2.48
C ARG B 34 0.64 -6.51 -3.89
N LEU B 35 -0.24 -7.46 -4.17
CA LEU B 35 -0.87 -7.53 -5.48
C LEU B 35 -1.69 -6.26 -5.74
N ALA B 36 -2.39 -5.77 -4.71
CA ALA B 36 -3.18 -4.53 -4.83
C ALA B 36 -2.33 -3.33 -5.24
N SER B 37 -1.09 -3.27 -4.77
CA SER B 37 -0.18 -2.18 -5.12
C SER B 37 0.10 -2.07 -6.62
N PHE B 38 -0.15 -3.14 -7.37
CA PHE B 38 0.07 -3.18 -8.81
C PHE B 38 -1.12 -2.69 -9.63
N TYR B 39 -2.09 -2.06 -8.97
CA TYR B 39 -3.26 -1.51 -9.68
C TYR B 39 -2.83 -0.51 -10.77
N ASP B 40 -1.69 0.16 -10.55
CA ASP B 40 -1.16 1.16 -11.48
C ASP B 40 0.21 0.78 -12.04
N TRP B 41 0.46 -0.53 -12.13
CA TRP B 41 1.64 -1.06 -12.81
C TRP B 41 1.64 -0.59 -14.24
N PRO B 42 2.79 -0.11 -14.75
CA PRO B 42 2.75 0.43 -16.12
C PRO B 42 2.35 -0.61 -17.15
N LEU B 43 1.56 -0.19 -18.12
CA LEU B 43 1.12 -1.12 -19.17
C LEU B 43 2.27 -1.51 -20.11
N THR B 44 3.38 -0.79 -20.02
CA THR B 44 4.59 -1.10 -20.80
C THR B 44 5.49 -2.12 -20.10
N ALA B 45 5.20 -2.43 -18.84
CA ALA B 45 6.04 -3.34 -18.05
C ALA B 45 6.07 -4.73 -18.67
N GLU B 46 7.17 -5.46 -18.43
CA GLU B 46 7.43 -6.71 -19.12
C GLU B 46 7.30 -7.96 -18.25
N VAL B 47 7.02 -7.76 -16.96
CA VAL B 47 6.87 -8.87 -16.01
C VAL B 47 5.56 -8.65 -15.26
N PRO B 48 4.75 -9.71 -15.07
CA PRO B 48 3.41 -9.49 -14.52
C PRO B 48 3.36 -9.30 -12.99
N PRO B 49 2.40 -8.48 -12.50
CA PRO B 49 2.18 -8.28 -11.07
C PRO B 49 2.10 -9.57 -10.24
N GLU B 50 1.38 -10.58 -10.74
CA GLU B 50 1.17 -11.79 -9.96
C GLU B 50 2.49 -12.46 -9.56
N LEU B 51 3.43 -12.52 -10.49
CA LEU B 51 4.74 -13.14 -10.21
C LEU B 51 5.58 -12.29 -9.27
N LEU B 52 5.52 -10.97 -9.45
CA LEU B 52 6.27 -10.06 -8.59
C LEU B 52 5.76 -10.12 -7.14
N ALA B 53 4.45 -10.03 -6.95
CA ALA B 53 3.86 -10.08 -5.62
C ALA B 53 4.18 -11.40 -4.91
N ALA B 54 4.17 -12.50 -5.65
CA ALA B 54 4.49 -13.82 -5.09
C ALA B 54 5.91 -13.89 -4.54
N ALA B 55 6.83 -13.11 -5.14
CA ALA B 55 8.23 -13.12 -4.72
C ALA B 55 8.55 -12.03 -3.69
N GLY B 56 7.52 -11.48 -3.07
CA GLY B 56 7.69 -10.53 -1.96
C GLY B 56 7.70 -9.07 -2.36
N PHE B 57 7.55 -8.79 -3.65
CA PHE B 57 7.67 -7.44 -4.16
C PHE B 57 6.32 -6.72 -4.23
N PHE B 58 6.34 -5.43 -3.94
CA PHE B 58 5.20 -4.56 -4.16
C PHE B 58 5.65 -3.32 -4.92
N HIS B 59 4.70 -2.69 -5.62
CA HIS B 59 4.97 -1.58 -6.50
C HIS B 59 4.99 -0.27 -5.75
N THR B 60 6.02 0.53 -5.98
CA THR B 60 6.04 1.91 -5.52
C THR B 60 6.08 2.84 -6.73
N GLY B 61 5.57 4.05 -6.57
CA GLY B 61 5.62 5.05 -7.63
C GLY B 61 4.84 4.65 -8.87
N HIS B 62 5.30 5.11 -10.02
CA HIS B 62 4.53 4.91 -11.25
C HIS B 62 5.26 4.39 -12.45
N GLN B 63 6.56 4.16 -12.32
CA GLN B 63 7.33 3.44 -13.34
C GLN B 63 7.26 1.96 -12.95
N ASP B 64 8.25 1.15 -13.30
CA ASP B 64 8.17 -0.28 -12.94
C ASP B 64 8.99 -0.66 -11.70
N LYS B 65 9.07 0.26 -10.74
CA LYS B 65 9.82 0.03 -9.50
C LYS B 65 9.05 -0.85 -8.52
N VAL B 66 9.74 -1.82 -7.93
CA VAL B 66 9.19 -2.59 -6.83
C VAL B 66 10.19 -2.63 -5.68
N ARG B 67 9.69 -2.84 -4.46
CA ARG B 67 10.52 -3.15 -3.31
C ARG B 67 10.04 -4.43 -2.63
N CYS B 68 10.98 -5.17 -2.04
CA CYS B 68 10.61 -6.29 -1.20
C CYS B 68 10.09 -5.77 0.14
N PHE B 69 8.95 -6.31 0.58
CA PHE B 69 8.34 -5.88 1.83
C PHE B 69 9.26 -6.15 3.03
N PHE B 70 10.12 -7.15 2.92
CA PHE B 70 10.96 -7.55 4.03
C PHE B 70 12.32 -6.85 4.03
N CYS B 71 13.09 -7.01 2.96
CA CYS B 71 14.48 -6.51 2.95
C CYS B 71 14.66 -5.10 2.38
N TYR B 72 13.57 -4.50 1.86
CA TYR B 72 13.59 -3.15 1.26
C TYR B 72 14.16 -3.12 -0.17
N GLY B 73 14.77 -4.21 -0.61
CA GLY B 73 15.48 -4.22 -1.88
C GLY B 73 14.62 -3.75 -3.03
N GLY B 74 15.11 -2.77 -3.78
CA GLY B 74 14.37 -2.17 -4.89
C GLY B 74 14.91 -2.58 -6.25
N LEU B 75 14.01 -2.87 -7.19
CA LEU B 75 14.38 -3.25 -8.54
C LEU B 75 13.46 -2.59 -9.55
N GLN B 76 14.01 -2.22 -10.70
CA GLN B 76 13.24 -1.66 -11.80
C GLN B 76 13.80 -2.16 -13.13
N SER B 77 13.29 -1.64 -14.24
CA SER B 77 13.73 -2.03 -15.58
C SER B 77 13.66 -3.54 -15.76
N TRP B 78 12.50 -4.09 -15.43
CA TRP B 78 12.21 -5.50 -15.61
C TRP B 78 12.17 -5.83 -17.08
N LYS B 79 12.86 -6.90 -17.47
CA LYS B 79 12.92 -7.32 -18.86
C LYS B 79 12.07 -8.55 -19.07
N ARG B 80 11.65 -8.77 -20.31
CA ARG B 80 10.89 -9.96 -20.66
C ARG B 80 11.66 -11.20 -20.24
N GLY B 81 10.98 -12.12 -19.56
CA GLY B 81 11.61 -13.34 -19.09
C GLY B 81 12.35 -13.23 -17.76
N ASP B 82 12.44 -12.03 -17.18
CA ASP B 82 12.99 -11.91 -15.82
C ASP B 82 12.11 -12.71 -14.87
N ASP B 83 12.76 -13.46 -13.98
CA ASP B 83 12.04 -14.24 -12.98
C ASP B 83 12.18 -13.53 -11.64
N PRO B 84 11.06 -13.04 -11.06
CA PRO B 84 11.17 -12.30 -9.81
C PRO B 84 11.96 -12.97 -8.68
N TRP B 85 11.75 -14.27 -8.46
CA TRP B 85 12.52 -14.97 -7.42
C TRP B 85 14.00 -14.99 -7.71
N THR B 86 14.36 -15.23 -8.97
CA THR B 86 15.77 -15.24 -9.38
C THR B 86 16.41 -13.88 -9.13
N GLU B 87 15.71 -12.82 -9.51
CA GLU B 87 16.21 -11.46 -9.33
C GLU B 87 16.34 -11.10 -7.86
N HIS B 88 15.36 -11.54 -7.05
CA HIS B 88 15.41 -11.36 -5.61
C HIS B 88 16.69 -11.95 -5.05
N ALA B 89 17.01 -13.17 -5.46
CA ALA B 89 18.21 -13.88 -5.00
C ALA B 89 19.50 -13.27 -5.54
N LYS B 90 19.49 -12.86 -6.80
CA LYS B 90 20.64 -12.22 -7.42
C LYS B 90 21.04 -10.95 -6.67
N TRP B 91 20.08 -10.06 -6.42
CA TRP B 91 20.39 -8.73 -5.89
C TRP B 91 20.38 -8.64 -4.38
N PHE B 92 19.57 -9.46 -3.72
CA PHE B 92 19.37 -9.36 -2.28
C PHE B 92 19.49 -10.74 -1.60
N PRO B 93 20.66 -11.39 -1.75
CA PRO B 93 20.84 -12.75 -1.23
C PRO B 93 20.74 -12.87 0.30
N GLY B 94 20.86 -11.75 1.01
CA GLY B 94 20.73 -11.75 2.48
C GLY B 94 19.32 -11.62 3.02
N CYS B 95 18.33 -11.51 2.13
CA CYS B 95 16.94 -11.33 2.55
C CYS B 95 16.40 -12.56 3.29
N GLN B 96 15.86 -12.32 4.49
CA GLN B 96 15.35 -13.41 5.32
C GLN B 96 14.06 -14.01 4.79
N PHE B 97 13.24 -13.19 4.12
CA PHE B 97 12.04 -13.69 3.46
C PHE B 97 12.42 -14.63 2.30
N LEU B 98 13.38 -14.19 1.50
CA LEU B 98 13.93 -15.04 0.42
C LEU B 98 14.44 -16.36 0.98
N LEU B 99 15.25 -16.28 2.03
CA LEU B 99 15.84 -17.48 2.64
C LEU B 99 14.77 -18.44 3.13
N ARG B 100 13.80 -17.93 3.87
CA ARG B 100 12.72 -18.75 4.39
C ARG B 100 11.90 -19.38 3.26
N SER B 101 11.73 -18.63 2.17
CA SER B 101 10.89 -19.06 1.05
C SER B 101 11.57 -20.08 0.14
N LYS B 102 12.86 -19.89 -0.13
CA LYS B 102 13.56 -20.68 -1.15
C LYS B 102 14.71 -21.54 -0.63
N GLY B 103 15.31 -21.17 0.52
CA GLY B 103 16.44 -21.91 1.07
C GLY B 103 17.78 -21.42 0.56
N GLN B 104 18.83 -21.77 1.28
CA GLN B 104 20.17 -21.24 0.99
C GLN B 104 20.77 -21.79 -0.31
N GLU B 105 20.53 -23.06 -0.61
CA GLU B 105 21.07 -23.68 -1.82
C GLU B 105 20.59 -22.95 -3.07
N TYR B 106 19.30 -22.62 -3.10
CA TYR B 106 18.72 -21.87 -4.20
C TYR B 106 19.46 -20.55 -4.43
N ILE B 107 19.72 -19.83 -3.34
CA ILE B 107 20.40 -18.53 -3.41
C ILE B 107 21.85 -18.71 -3.88
N ASN B 108 22.56 -19.64 -3.25
CA ASN B 108 23.94 -19.92 -3.61
C ASN B 108 24.08 -20.31 -5.08
N ASN B 109 23.22 -21.20 -5.55
CA ASN B 109 23.26 -21.66 -6.94
C ASN B 109 23.14 -20.50 -7.94
N ILE B 110 22.25 -19.57 -7.65
CA ILE B 110 22.10 -18.38 -8.50
C ILE B 110 23.38 -17.55 -8.54
N HIS B 111 24.10 -17.48 -7.41
CA HIS B 111 25.38 -16.78 -7.37
C HIS B 111 26.56 -17.55 -7.88
N LEU B 112 26.35 -18.82 -8.19
CA LEU B 112 27.40 -19.65 -8.80
C LEU B 112 27.20 -19.79 -10.32
N THR B 113 25.99 -19.59 -10.80
CA THR B 113 25.67 -19.71 -12.23
C THR B 113 25.71 -18.36 -12.92
N PRO C 3 -8.35 20.00 8.06
CA PRO C 3 -8.36 20.01 6.59
C PRO C 3 -7.13 20.69 6.06
N PRO D 3 18.87 -2.43 -9.76
CA PRO D 3 18.55 -1.53 -8.65
C PRO D 3 18.19 -0.16 -9.19
#